data_1Q75
#
_entry.id   1Q75
#
_entity_poly.entity_id   1
_entity_poly.type   'polyribonucleotide'
_entity_poly.pdbx_seq_one_letter_code
;GGCUCUCAGUGAGCC
;
_entity_poly.pdbx_strand_id   A
#